data_2IXU
#
_entry.id   2IXU
#
_cell.length_a   80.521
_cell.length_b   96.504
_cell.length_c   127.317
_cell.angle_alpha   90.00
_cell.angle_beta   90.00
_cell.angle_gamma   90.00
#
_symmetry.space_group_name_H-M   'C 2 2 21'
#
loop_
_entity.id
_entity.type
_entity.pdbx_description
1 polymer LYSOZYME
2 branched '2-acetamido-2-deoxy-beta-D-glucopyranose-(1-4)-N-acetyl-alpha-muramic acid'
3 non-polymer 'FORMIC ACID'
4 non-polymer ALANINE
5 non-polymer D-alpha-glutamine
6 water water
#
_entity_poly.entity_id   1
_entity_poly.type   'polypeptide(L)'
_entity_poly.pdbx_seq_one_letter_code
;MVKKNDLFVDVSSHNGYDITGILEQMGTTNTIIKISESTTYLNPCLSAQVEQSNPIGFYHFARFGGDVAEAEREAQFFLD
NVPMQVKYLVLDYEDDPSGDAQANTNACLRFMQMIADAGYKPIYYSYKPFTHDNVDYQQILAQFPNSLWIAGYGLNDGTA
NFEYFPSMDGIRWWQYSSNPFDKNIVLLDDEEDDKPKTAGTWKQDSKGWWFRRNNGSFPYNKWEKIGGVWYYFDSKGYCL
TSEWLKDNEKWYYLKDNGAMATGWVLVGSEWYYMDDSGAMVTGWVKYKNNWYYMTNERGNMVSNEFIKSGKGWYFMNTNG
ELADNPSFTKEPDGLITVA
;
_entity_poly.pdbx_strand_id   A
#
loop_
_chem_comp.id
_chem_comp.type
_chem_comp.name
_chem_comp.formula
FMT non-polymer 'FORMIC ACID' 'C H2 O2'
MUB D-saccharide, alpha linking 'N-acetyl-alpha-muramic acid' 'C11 H19 N O8'
NAG D-saccharide, beta linking 2-acetamido-2-deoxy-beta-D-glucopyranose 'C8 H15 N O6'
#
# COMPACT_ATOMS: atom_id res chain seq x y z
N VAL A 2 -3.11 -2.24 -6.28
CA VAL A 2 -3.42 -1.85 -4.85
C VAL A 2 -2.92 -0.44 -4.55
N LYS A 3 -3.46 0.15 -3.49
CA LYS A 3 -3.06 1.49 -3.07
C LYS A 3 -2.60 1.52 -1.61
N LYS A 4 -1.98 2.62 -1.21
CA LYS A 4 -1.63 2.83 0.19
C LYS A 4 -2.73 2.30 1.12
N ASN A 5 -2.33 1.56 2.15
CA ASN A 5 -3.22 1.06 3.22
C ASN A 5 -4.11 -0.10 2.80
N ASP A 6 -4.01 -0.57 1.56
CA ASP A 6 -4.73 -1.76 1.18
C ASP A 6 -4.07 -2.92 1.94
N LEU A 7 -4.80 -4.03 2.07
CA LEU A 7 -4.27 -5.22 2.74
C LEU A 7 -4.20 -6.37 1.79
N PHE A 8 -3.30 -7.31 2.09
CA PHE A 8 -3.22 -8.55 1.37
C PHE A 8 -2.65 -9.68 2.23
N VAL A 9 -3.00 -10.91 1.86
CA VAL A 9 -2.53 -12.08 2.55
C VAL A 9 -1.53 -12.81 1.65
N ASP A 10 -0.55 -13.49 2.24
CA ASP A 10 0.37 -14.33 1.44
C ASP A 10 0.30 -15.74 1.97
N VAL A 11 0.25 -16.75 1.09
CA VAL A 11 0.04 -18.14 1.52
C VAL A 11 0.96 -19.10 0.77
N SER A 12 1.08 -20.31 1.32
CA SER A 12 1.85 -21.39 0.71
C SER A 12 1.11 -22.68 1.06
N SER A 13 1.73 -23.84 0.84
CA SER A 13 1.09 -25.12 1.25
C SER A 13 0.80 -25.18 2.79
N HIS A 14 1.54 -24.39 3.54
CA HIS A 14 1.31 -24.25 4.99
C HIS A 14 -0.15 -23.83 5.28
N ASN A 15 -0.82 -23.23 4.29
CA ASN A 15 -2.24 -22.75 4.43
C ASN A 15 -3.34 -23.66 3.87
N GLY A 16 -2.93 -24.73 3.23
CA GLY A 16 -3.91 -25.71 2.75
C GLY A 16 -4.59 -25.36 1.46
N TYR A 17 -5.52 -26.22 1.05
CA TYR A 17 -6.26 -26.11 -0.21
C TYR A 17 -7.50 -25.25 -0.03
N ASP A 18 -7.69 -24.72 1.16
CA ASP A 18 -8.85 -23.83 1.37
C ASP A 18 -8.49 -22.64 2.20
N ILE A 19 -8.44 -21.50 1.55
CA ILE A 19 -8.04 -20.30 2.23
C ILE A 19 -9.18 -19.26 2.32
N THR A 20 -10.41 -19.73 2.13
CA THR A 20 -11.56 -18.85 2.12
C THR A 20 -11.73 -18.21 3.50
N GLY A 21 -11.54 -18.99 4.56
CA GLY A 21 -11.61 -18.51 5.94
C GLY A 21 -10.66 -17.35 6.24
N ILE A 22 -9.36 -17.53 6.07
CA ILE A 22 -8.46 -16.41 6.36
C ILE A 22 -8.73 -15.20 5.50
N LEU A 23 -9.28 -15.38 4.31
CA LEU A 23 -9.60 -14.21 3.45
C LEU A 23 -10.76 -13.42 4.04
N GLU A 24 -11.73 -14.13 4.62
CA GLU A 24 -12.85 -13.49 5.32
C GLU A 24 -12.43 -12.74 6.61
N GLN A 25 -11.60 -13.39 7.47
CA GLN A 25 -11.09 -12.80 8.71
C GLN A 25 -10.37 -11.54 8.35
N MET A 26 -9.58 -11.61 7.28
CA MET A 26 -8.74 -10.48 6.88
C MET A 26 -9.58 -9.40 6.21
N GLY A 27 -10.67 -9.80 5.53
CA GLY A 27 -11.54 -8.88 4.82
C GLY A 27 -11.02 -8.42 3.45
N THR A 28 -10.19 -9.24 2.83
CA THR A 28 -9.74 -8.97 1.45
C THR A 28 -9.53 -10.28 0.70
N THR A 29 -9.62 -10.20 -0.63
CA THR A 29 -9.24 -11.33 -1.49
C THR A 29 -7.83 -11.19 -2.10
N ASN A 30 -7.15 -10.07 -1.84
CA ASN A 30 -5.76 -9.85 -2.31
C ASN A 30 -4.79 -10.88 -1.74
N THR A 31 -4.06 -11.58 -2.60
CA THR A 31 -3.07 -12.52 -2.14
C THR A 31 -1.80 -12.45 -2.97
N ILE A 32 -0.74 -12.93 -2.33
CA ILE A 32 0.50 -13.25 -2.99
C ILE A 32 0.73 -14.73 -2.64
N ILE A 33 0.84 -15.58 -3.66
CA ILE A 33 0.87 -17.01 -3.45
C ILE A 33 2.22 -17.61 -3.77
N LYS A 34 2.63 -18.58 -2.95
CA LYS A 34 3.91 -19.29 -3.16
C LYS A 34 3.75 -20.14 -4.38
N ILE A 35 4.66 -20.01 -5.32
CA ILE A 35 4.63 -20.86 -6.50
C ILE A 35 5.66 -21.97 -6.28
N SER A 36 6.91 -21.59 -5.97
CA SER A 36 8.02 -22.54 -6.06
C SER A 36 9.12 -22.26 -5.09
N GLU A 37 10.10 -23.18 -5.07
CA GLU A 37 11.24 -23.13 -4.16
C GLU A 37 12.38 -23.90 -4.83
N SER A 38 13.60 -23.40 -4.72
CA SER A 38 14.75 -24.07 -5.32
C SER A 38 14.52 -24.18 -6.86
N THR A 39 14.73 -25.36 -7.47
CA THR A 39 14.51 -25.57 -8.89
C THR A 39 13.57 -26.76 -9.11
N THR A 40 13.08 -27.38 -8.03
CA THR A 40 12.37 -28.63 -8.14
C THR A 40 11.03 -28.70 -7.35
N TYR A 41 10.71 -27.72 -6.51
CA TYR A 41 9.52 -27.82 -5.66
C TYR A 41 8.41 -26.88 -6.15
N LEU A 42 7.19 -27.38 -6.20
CA LEU A 42 6.02 -26.55 -6.49
C LEU A 42 4.99 -26.72 -5.39
N ASN A 43 4.43 -25.59 -4.95
CA ASN A 43 3.32 -25.53 -3.99
C ASN A 43 2.14 -26.22 -4.61
N PRO A 44 1.72 -27.37 -4.09
CA PRO A 44 0.57 -28.10 -4.70
C PRO A 44 -0.79 -27.42 -4.47
N CYS A 45 -0.84 -26.42 -3.61
CA CYS A 45 -2.10 -25.71 -3.32
C CYS A 45 -2.29 -24.51 -4.26
N LEU A 46 -1.29 -24.26 -5.11
CA LEU A 46 -1.27 -23.11 -6.00
C LEU A 46 -2.58 -22.85 -6.72
N SER A 47 -3.10 -23.86 -7.42
CA SER A 47 -4.28 -23.65 -8.24
C SER A 47 -5.55 -23.37 -7.44
N ALA A 48 -5.75 -24.08 -6.34
CA ALA A 48 -6.90 -23.80 -5.46
C ALA A 48 -6.83 -22.39 -4.84
N GLN A 49 -5.63 -22.00 -4.41
CA GLN A 49 -5.43 -20.69 -3.79
C GLN A 49 -5.67 -19.58 -4.80
N VAL A 50 -5.16 -19.75 -6.02
CA VAL A 50 -5.40 -18.78 -7.08
C VAL A 50 -6.92 -18.67 -7.27
N GLU A 51 -7.54 -19.82 -7.50
CA GLU A 51 -8.97 -19.92 -7.71
C GLU A 51 -9.83 -19.17 -6.65
N GLN A 52 -9.47 -19.29 -5.37
CA GLN A 52 -10.26 -18.71 -4.27
C GLN A 52 -9.90 -17.23 -3.97
N SER A 53 -9.05 -16.59 -4.77
CA SER A 53 -8.60 -15.27 -4.40
C SER A 53 -8.40 -14.34 -5.59
N ASN A 54 -7.80 -13.18 -5.34
CA ASN A 54 -7.42 -12.25 -6.38
C ASN A 54 -5.94 -11.92 -6.21
N PRO A 55 -5.07 -12.77 -6.76
CA PRO A 55 -3.63 -12.53 -6.62
C PRO A 55 -3.12 -11.24 -7.22
N ILE A 56 -2.22 -10.61 -6.50
CA ILE A 56 -1.53 -9.45 -7.01
C ILE A 56 -0.06 -9.84 -7.25
N GLY A 57 0.31 -11.05 -6.88
CA GLY A 57 1.68 -11.45 -7.06
C GLY A 57 1.82 -12.91 -6.75
N PHE A 58 3.02 -13.43 -6.98
CA PHE A 58 3.41 -14.77 -6.58
C PHE A 58 4.82 -14.66 -6.04
N TYR A 59 5.23 -15.63 -5.22
CA TYR A 59 6.58 -15.56 -4.68
C TYR A 59 7.31 -16.85 -4.79
N HIS A 60 8.65 -16.74 -4.72
CA HIS A 60 9.54 -17.87 -4.83
C HIS A 60 10.43 -17.93 -3.61
N PHE A 61 10.59 -19.10 -2.99
CA PHE A 61 11.47 -19.17 -1.83
C PHE A 61 12.88 -19.49 -2.32
N ALA A 62 13.78 -18.53 -2.18
CA ALA A 62 15.17 -18.65 -2.66
C ALA A 62 16.00 -19.68 -1.90
N ARG A 63 16.74 -20.49 -2.66
CA ARG A 63 17.75 -21.39 -2.07
C ARG A 63 19.12 -21.25 -2.72
N PHE A 64 19.29 -20.24 -3.57
CA PHE A 64 20.54 -20.04 -4.31
C PHE A 64 21.72 -19.44 -3.56
N GLY A 65 21.49 -18.92 -2.36
CA GLY A 65 22.55 -18.38 -1.54
C GLY A 65 23.17 -17.14 -2.18
N GLY A 66 24.45 -17.29 -2.53
CA GLY A 66 25.17 -16.25 -3.22
C GLY A 66 25.66 -16.68 -4.59
N ASP A 67 25.14 -17.80 -5.09
CA ASP A 67 25.53 -18.33 -6.39
C ASP A 67 24.65 -17.76 -7.49
N VAL A 68 25.23 -16.92 -8.36
CA VAL A 68 24.45 -16.25 -9.41
C VAL A 68 23.85 -17.21 -10.43
N ALA A 69 24.65 -18.19 -10.87
CA ALA A 69 24.15 -19.13 -11.89
C ALA A 69 22.93 -19.87 -11.35
N GLU A 70 22.97 -20.21 -10.06
CA GLU A 70 21.87 -20.90 -9.39
C GLU A 70 20.64 -20.00 -9.34
N ALA A 71 20.84 -18.72 -9.00
CA ALA A 71 19.74 -17.78 -8.92
C ALA A 71 19.01 -17.70 -10.27
N GLU A 72 19.79 -17.68 -11.35
CA GLU A 72 19.23 -17.70 -12.70
C GLU A 72 18.32 -18.88 -12.93
N ARG A 73 18.77 -20.07 -12.58
CA ARG A 73 17.95 -21.27 -12.80
C ARG A 73 16.68 -21.24 -11.92
N GLU A 74 16.82 -20.76 -10.68
CA GLU A 74 15.65 -20.70 -9.78
C GLU A 74 14.63 -19.71 -10.35
N ALA A 75 15.10 -18.56 -10.87
CA ALA A 75 14.19 -17.57 -11.48
C ALA A 75 13.43 -18.17 -12.64
N GLN A 76 14.14 -18.92 -13.48
CA GLN A 76 13.51 -19.45 -14.71
C GLN A 76 12.46 -20.50 -14.36
N PHE A 77 12.82 -21.41 -13.45
CA PHE A 77 11.88 -22.39 -12.92
C PHE A 77 10.62 -21.67 -12.37
N PHE A 78 10.83 -20.57 -11.64
CA PHE A 78 9.72 -19.76 -11.06
C PHE A 78 8.86 -19.18 -12.16
N LEU A 79 9.51 -18.47 -13.07
CA LEU A 79 8.83 -17.83 -14.22
C LEU A 79 8.06 -18.84 -15.02
N ASP A 80 8.65 -20.00 -15.23
CA ASP A 80 8.01 -21.03 -16.09
C ASP A 80 6.73 -21.52 -15.44
N ASN A 81 6.60 -21.29 -14.13
CA ASN A 81 5.44 -21.79 -13.42
C ASN A 81 4.42 -20.73 -12.98
N VAL A 82 4.63 -19.48 -13.35
CA VAL A 82 3.62 -18.43 -13.11
C VAL A 82 2.33 -18.80 -13.87
N PRO A 83 1.19 -18.98 -13.18
CA PRO A 83 -0.05 -19.45 -13.85
C PRO A 83 -0.87 -18.33 -14.50
N MET A 84 -0.57 -17.08 -14.20
CA MET A 84 -1.36 -15.97 -14.79
C MET A 84 -0.59 -14.69 -14.62
N GLN A 85 -0.87 -13.73 -15.48
CA GLN A 85 -0.19 -12.44 -15.39
C GLN A 85 -0.63 -11.70 -14.13
N VAL A 86 0.33 -11.09 -13.45
CA VAL A 86 0.08 -10.27 -12.28
C VAL A 86 1.14 -9.19 -12.37
N LYS A 87 1.04 -8.13 -11.58
CA LYS A 87 2.07 -7.08 -11.60
C LYS A 87 3.42 -7.50 -10.98
N TYR A 88 3.37 -8.26 -9.89
CA TYR A 88 4.55 -8.55 -9.10
C TYR A 88 4.92 -10.01 -9.02
N LEU A 89 6.24 -10.25 -8.93
CA LEU A 89 6.78 -11.57 -8.66
C LEU A 89 7.83 -11.33 -7.60
N VAL A 90 7.79 -12.15 -6.54
CA VAL A 90 8.59 -11.88 -5.35
C VAL A 90 9.71 -12.87 -5.11
N LEU A 91 10.87 -12.29 -4.79
CA LEU A 91 12.03 -13.04 -4.38
C LEU A 91 12.03 -13.12 -2.87
N ASP A 92 11.72 -14.30 -2.34
CA ASP A 92 11.71 -14.50 -0.90
C ASP A 92 13.10 -14.96 -0.48
N TYR A 93 13.87 -14.06 0.12
CA TYR A 93 15.28 -14.30 0.39
C TYR A 93 15.54 -14.16 1.89
N GLU A 94 15.54 -15.28 2.58
CA GLU A 94 15.48 -15.21 4.02
C GLU A 94 16.19 -16.38 4.62
N ASP A 95 16.81 -17.21 3.78
CA ASP A 95 17.50 -18.42 4.26
C ASP A 95 18.68 -18.84 3.39
N ASP A 96 19.52 -19.73 3.93
CA ASP A 96 20.74 -20.22 3.25
C ASP A 96 21.59 -19.10 2.57
N PRO A 97 21.90 -18.01 3.25
CA PRO A 97 22.79 -17.00 2.64
C PRO A 97 24.22 -17.53 2.63
N SER A 98 25.05 -17.07 1.70
CA SER A 98 26.48 -17.37 1.74
C SER A 98 27.18 -16.42 2.72
N GLY A 99 28.47 -16.70 3.02
CA GLY A 99 29.30 -15.80 3.82
C GLY A 99 29.61 -14.47 3.13
N ASP A 100 29.68 -14.51 1.80
CA ASP A 100 29.95 -13.32 1.01
C ASP A 100 28.66 -12.54 0.70
N ALA A 101 28.51 -11.43 1.42
CA ALA A 101 27.34 -10.57 1.34
C ALA A 101 27.15 -9.91 -0.02
N GLN A 102 28.25 -9.75 -0.75
CA GLN A 102 28.21 -9.18 -2.08
C GLN A 102 27.76 -10.21 -3.14
N ALA A 103 28.23 -11.45 -2.99
CA ALA A 103 27.78 -12.56 -3.81
C ALA A 103 26.26 -12.73 -3.67
N ASN A 104 25.78 -12.65 -2.42
CA ASN A 104 24.35 -12.70 -2.12
C ASN A 104 23.58 -11.62 -2.89
N THR A 105 24.07 -10.39 -2.80
CA THR A 105 23.47 -9.23 -3.45
C THR A 105 23.41 -9.39 -4.97
N ASN A 106 24.53 -9.80 -5.56
CA ASN A 106 24.60 -10.02 -7.01
C ASN A 106 23.59 -11.09 -7.48
N ALA A 107 23.49 -12.17 -6.71
CA ALA A 107 22.55 -13.24 -7.02
C ALA A 107 21.10 -12.75 -6.90
N CYS A 108 20.81 -11.94 -5.88
CA CYS A 108 19.47 -11.32 -5.75
C CYS A 108 19.17 -10.38 -6.90
N LEU A 109 20.15 -9.56 -7.24
CA LEU A 109 19.98 -8.60 -8.35
C LEU A 109 19.72 -9.33 -9.66
N ARG A 110 20.44 -10.43 -9.89
CA ARG A 110 20.24 -11.26 -11.09
C ARG A 110 18.84 -11.89 -11.14
N PHE A 111 18.36 -12.40 -10.00
CA PHE A 111 17.01 -12.96 -9.92
C PHE A 111 16.01 -11.92 -10.27
N MET A 112 16.19 -10.75 -9.67
CA MET A 112 15.30 -9.62 -9.89
C MET A 112 15.37 -9.09 -11.29
N GLN A 113 16.58 -8.97 -11.85
CA GLN A 113 16.73 -8.47 -13.24
C GLN A 113 15.97 -9.40 -14.20
N MET A 114 16.02 -10.69 -13.94
CA MET A 114 15.33 -11.68 -14.77
C MET A 114 13.81 -11.56 -14.74
N ILE A 115 13.25 -11.19 -13.57
CA ILE A 115 11.81 -11.05 -13.41
C ILE A 115 11.34 -9.84 -14.21
N ALA A 116 12.13 -8.75 -14.13
CA ALA A 116 11.89 -7.55 -14.95
C ALA A 116 11.93 -7.88 -16.44
N ASP A 117 13.07 -8.38 -16.90
CA ASP A 117 13.22 -8.76 -18.33
C ASP A 117 12.00 -9.56 -18.81
N ALA A 118 11.34 -10.29 -17.91
CA ALA A 118 10.18 -11.12 -18.26
C ALA A 118 8.87 -10.31 -18.31
N GLY A 119 8.95 -9.05 -17.91
CA GLY A 119 7.82 -8.14 -17.89
C GLY A 119 6.96 -8.18 -16.60
N TYR A 120 7.62 -8.27 -15.45
CA TYR A 120 6.91 -8.13 -14.18
C TYR A 120 7.69 -7.19 -13.33
N LYS A 121 7.07 -6.65 -12.30
CA LYS A 121 7.86 -5.89 -11.31
C LYS A 121 8.44 -6.83 -10.28
N PRO A 122 9.76 -6.75 -10.07
CA PRO A 122 10.43 -7.53 -9.01
C PRO A 122 10.31 -6.97 -7.61
N ILE A 123 10.13 -7.89 -6.66
CA ILE A 123 10.09 -7.49 -5.25
C ILE A 123 11.11 -8.33 -4.46
N TYR A 124 11.83 -7.69 -3.56
CA TYR A 124 12.72 -8.38 -2.64
C TYR A 124 12.03 -8.46 -1.29
N TYR A 125 11.82 -9.68 -0.80
CA TYR A 125 11.17 -9.91 0.47
C TYR A 125 12.12 -10.49 1.46
N SER A 126 12.05 -9.99 2.70
CA SER A 126 12.89 -10.45 3.80
C SER A 126 12.58 -9.71 5.12
N TYR A 127 13.46 -9.90 6.12
CA TYR A 127 13.33 -9.15 7.33
C TYR A 127 14.61 -8.36 7.57
N LYS A 128 14.52 -7.33 8.43
CA LYS A 128 15.59 -6.36 8.59
C LYS A 128 16.95 -6.92 9.05
N PRO A 129 17.09 -7.51 10.25
CA PRO A 129 18.40 -8.03 10.65
C PRO A 129 18.99 -9.01 9.61
N PHE A 130 18.18 -9.81 8.91
CA PHE A 130 18.72 -10.73 7.89
C PHE A 130 19.28 -9.97 6.70
N THR A 131 18.50 -8.99 6.25
CA THR A 131 18.89 -8.16 5.12
C THR A 131 20.17 -7.36 5.43
N HIS A 132 20.26 -6.84 6.64
CA HIS A 132 21.43 -6.12 7.11
C HIS A 132 22.67 -6.99 7.12
N ASP A 133 22.54 -8.24 7.58
CA ASP A 133 23.69 -9.11 7.64
C ASP A 133 24.12 -9.73 6.32
N ASN A 134 23.17 -9.97 5.41
CA ASN A 134 23.47 -10.81 4.26
C ASN A 134 23.50 -10.18 2.88
N VAL A 135 23.00 -8.95 2.74
CA VAL A 135 23.06 -8.27 1.46
C VAL A 135 23.36 -6.80 1.64
N ASP A 136 23.62 -6.13 0.52
CA ASP A 136 23.58 -4.70 0.47
C ASP A 136 22.26 -4.24 -0.17
N TYR A 137 21.26 -4.01 0.67
CA TYR A 137 19.95 -3.65 0.11
C TYR A 137 19.98 -2.35 -0.68
N GLN A 138 20.90 -1.44 -0.32
CA GLN A 138 21.08 -0.20 -1.07
C GLN A 138 21.45 -0.43 -2.54
N GLN A 139 22.13 -1.53 -2.81
CA GLN A 139 22.45 -1.95 -4.18
C GLN A 139 21.23 -2.54 -4.89
N ILE A 140 20.30 -3.13 -4.13
CA ILE A 140 19.04 -3.63 -4.71
C ILE A 140 18.14 -2.45 -5.07
N LEU A 141 18.02 -1.51 -4.16
CA LEU A 141 17.21 -0.34 -4.40
C LEU A 141 17.79 0.55 -5.50
N ALA A 142 19.12 0.52 -5.64
CA ALA A 142 19.77 1.24 -6.74
C ALA A 142 19.23 0.79 -8.09
N GLN A 143 19.13 -0.51 -8.34
CA GLN A 143 18.57 -1.05 -9.58
C GLN A 143 17.03 -1.11 -9.66
N PHE A 144 16.39 -1.26 -8.50
CA PHE A 144 14.95 -1.50 -8.42
C PHE A 144 14.41 -0.68 -7.27
N PRO A 145 14.12 0.59 -7.52
CA PRO A 145 13.69 1.48 -6.44
C PRO A 145 12.34 1.01 -5.85
N ASN A 146 12.14 1.24 -4.55
CA ASN A 146 10.86 0.96 -3.92
C ASN A 146 10.34 -0.46 -4.17
N SER A 147 11.24 -1.44 -4.12
CA SER A 147 10.87 -2.81 -4.44
C SER A 147 10.88 -3.75 -3.20
N LEU A 148 10.95 -3.20 -2.00
CA LEU A 148 11.05 -4.06 -0.81
C LEU A 148 9.72 -4.44 -0.14
N TRP A 149 9.68 -5.66 0.33
CA TRP A 149 8.54 -6.17 1.09
C TRP A 149 9.20 -6.68 2.36
N ILE A 150 9.10 -5.92 3.45
CA ILE A 150 9.78 -6.26 4.71
C ILE A 150 8.85 -6.74 5.80
N ALA A 151 9.28 -7.81 6.48
CA ALA A 151 8.58 -8.39 7.64
C ALA A 151 9.10 -7.80 8.96
N GLY A 152 8.20 -7.52 9.90
CA GLY A 152 8.55 -6.99 11.22
C GLY A 152 7.26 -7.04 12.02
N TYR A 153 7.17 -8.02 12.91
CA TYR A 153 5.91 -8.37 13.54
C TYR A 153 5.67 -7.66 14.87
N GLY A 154 6.71 -7.10 15.47
CA GLY A 154 6.59 -6.54 16.83
C GLY A 154 6.23 -7.64 17.85
N LEU A 155 5.18 -7.40 18.64
CA LEU A 155 4.62 -8.38 19.56
C LEU A 155 3.89 -9.53 18.85
N ASN A 156 3.63 -9.35 17.55
CA ASN A 156 3.00 -10.35 16.68
C ASN A 156 1.63 -10.78 17.16
N ASP A 157 0.79 -9.81 17.47
CA ASP A 157 -0.50 -10.11 18.07
C ASP A 157 -1.59 -10.05 17.05
N GLY A 158 -1.18 -9.99 15.77
CA GLY A 158 -2.13 -10.09 14.67
C GLY A 158 -2.63 -8.76 14.17
N THR A 159 -2.17 -7.66 14.77
CA THR A 159 -2.54 -6.33 14.31
C THR A 159 -1.29 -5.52 13.94
N ALA A 160 -1.46 -4.50 13.11
CA ALA A 160 -0.36 -3.64 12.73
C ALA A 160 -0.10 -2.62 13.83
N ASN A 161 1.13 -2.59 14.33
CA ASN A 161 1.54 -1.79 15.50
C ASN A 161 2.74 -1.00 15.06
N PHE A 162 2.50 0.29 14.86
CA PHE A 162 3.45 1.18 14.23
C PHE A 162 4.77 1.36 14.97
N GLU A 163 4.75 1.24 16.31
CA GLU A 163 5.97 1.35 17.10
C GLU A 163 7.07 0.43 16.54
N TYR A 164 6.67 -0.69 15.95
CA TYR A 164 7.64 -1.69 15.51
C TYR A 164 7.86 -1.67 14.03
N PHE A 165 7.31 -0.67 13.36
CA PHE A 165 7.50 -0.53 11.92
C PHE A 165 8.98 -0.62 11.60
N PRO A 166 9.39 -1.50 10.69
CA PRO A 166 10.80 -1.59 10.32
C PRO A 166 11.20 -0.30 9.62
N SER A 167 12.37 0.24 9.95
CA SER A 167 12.80 1.45 9.24
C SER A 167 13.86 1.05 8.23
N MET A 168 13.48 1.15 6.96
CA MET A 168 14.38 0.96 5.86
C MET A 168 13.85 1.79 4.71
N ASP A 169 14.71 2.10 3.74
CA ASP A 169 14.31 2.85 2.57
C ASP A 169 13.60 1.88 1.66
N GLY A 170 12.68 2.40 0.86
CA GLY A 170 12.16 1.69 -0.31
C GLY A 170 11.16 0.59 0.00
N ILE A 171 10.60 0.60 1.22
CA ILE A 171 9.64 -0.43 1.60
C ILE A 171 8.34 -0.15 0.87
N ARG A 172 7.94 -1.08 0.01
CA ARG A 172 6.68 -0.94 -0.68
C ARG A 172 5.54 -1.56 0.13
N TRP A 173 5.80 -2.69 0.80
CA TRP A 173 4.77 -3.45 1.53
C TRP A 173 5.30 -3.92 2.87
N TRP A 174 4.41 -4.07 3.84
CA TRP A 174 4.82 -4.44 5.17
C TRP A 174 4.08 -5.65 5.70
N GLN A 175 4.82 -6.76 5.92
CA GLN A 175 4.21 -7.94 6.50
C GLN A 175 4.25 -7.69 7.98
N TYR A 176 3.12 -7.33 8.56
CA TYR A 176 3.12 -6.86 9.96
C TYR A 176 2.77 -7.94 10.98
N SER A 177 2.37 -9.12 10.50
CA SER A 177 2.10 -10.23 11.43
C SER A 177 2.04 -11.57 10.72
N SER A 178 2.30 -12.66 11.46
CA SER A 178 2.03 -14.03 10.99
C SER A 178 1.00 -14.72 11.86
N ASN A 179 0.43 -13.95 12.80
CA ASN A 179 -0.56 -14.44 13.72
C ASN A 179 -2.04 -14.17 13.34
N PRO A 180 -2.83 -15.17 12.97
CA PRO A 180 -2.42 -16.59 12.82
C PRO A 180 -2.04 -16.99 11.38
N PHE A 181 -2.05 -16.02 10.45
CA PHE A 181 -1.58 -16.25 9.09
C PHE A 181 -0.88 -14.98 8.69
N ASP A 182 -0.18 -14.98 7.56
CA ASP A 182 0.60 -13.80 7.12
C ASP A 182 -0.24 -12.62 6.69
N LYS A 183 0.00 -11.48 7.34
CA LYS A 183 -0.81 -10.27 7.12
C LYS A 183 0.06 -9.14 6.57
N ASN A 184 -0.43 -8.42 5.57
CA ASN A 184 0.38 -7.36 4.92
C ASN A 184 -0.42 -6.13 4.66
N ILE A 185 0.28 -4.97 4.72
CA ILE A 185 -0.31 -3.68 4.40
C ILE A 185 0.56 -2.95 3.39
N VAL A 186 -0.09 -2.25 2.47
CA VAL A 186 0.56 -1.59 1.38
C VAL A 186 0.97 -0.16 1.75
N LEU A 187 2.25 0.16 1.59
CA LEU A 187 2.79 1.48 1.93
C LEU A 187 2.83 2.44 0.74
N LEU A 188 2.89 1.91 -0.48
CA LEU A 188 2.96 2.72 -1.69
C LEU A 188 1.91 2.27 -2.70
N ASP A 189 1.31 3.24 -3.41
CA ASP A 189 0.44 2.95 -4.55
C ASP A 189 1.26 2.20 -5.59
N ASP A 190 0.64 1.33 -6.36
CA ASP A 190 1.36 0.77 -7.51
C ASP A 190 1.79 1.91 -8.44
N GLU A 191 3.00 1.80 -9.00
CA GLU A 191 3.49 2.68 -10.07
C GLU A 191 2.55 2.67 -11.28
N GLU A 192 2.36 3.85 -11.86
CA GLU A 192 1.54 4.01 -13.06
C GLU A 192 2.34 4.80 -14.11
N ASP A 193 3.40 4.18 -14.62
CA ASP A 193 4.31 4.82 -15.59
C ASP A 193 3.76 4.86 -17.03
N ASP A 194 2.68 5.64 -17.20
CA ASP A 194 2.00 5.87 -18.48
C ASP A 194 1.80 7.37 -18.60
N LYS A 195 1.87 7.91 -19.82
CA LYS A 195 1.52 9.31 -20.04
C LYS A 195 0.00 9.51 -19.84
N PRO A 196 -0.39 10.26 -18.80
CA PRO A 196 -1.80 10.59 -18.58
C PRO A 196 -2.41 11.25 -19.83
N LYS A 197 -3.73 11.12 -19.96
CA LYS A 197 -4.44 11.60 -21.16
C LYS A 197 -4.53 13.14 -21.33
N THR A 198 -5.49 13.78 -20.66
CA THR A 198 -5.86 15.20 -20.90
C THR A 198 -6.51 15.44 -22.28
N ALA A 199 -7.72 14.90 -22.42
CA ALA A 199 -8.58 15.09 -23.59
C ALA A 199 -9.12 16.54 -23.72
N GLY A 200 -8.22 17.52 -23.74
CA GLY A 200 -8.58 18.92 -23.84
C GLY A 200 -7.53 19.84 -23.21
N THR A 201 -7.93 21.04 -22.84
CA THR A 201 -6.96 22.03 -22.34
C THR A 201 -7.56 22.85 -21.17
N TRP A 202 -6.78 22.99 -20.09
CA TRP A 202 -7.12 23.85 -18.98
C TRP A 202 -7.04 25.34 -19.31
N LYS A 203 -8.10 26.04 -18.93
CA LYS A 203 -8.13 27.47 -19.11
C LYS A 203 -8.37 28.14 -17.77
N GLN A 204 -7.65 29.21 -17.53
CA GLN A 204 -7.86 30.01 -16.33
C GLN A 204 -8.40 31.40 -16.69
N ASP A 205 -9.50 31.81 -16.07
CA ASP A 205 -9.97 33.19 -16.23
C ASP A 205 -10.01 33.80 -14.83
N SER A 206 -10.57 35.00 -14.73
CA SER A 206 -10.63 35.68 -13.44
C SER A 206 -11.46 34.99 -12.38
N LYS A 207 -12.34 34.05 -12.76
CA LYS A 207 -13.21 33.33 -11.79
C LYS A 207 -12.60 32.00 -11.32
N GLY A 208 -11.94 31.28 -12.21
CA GLY A 208 -11.31 30.01 -11.79
C GLY A 208 -10.81 29.21 -12.96
N TRP A 209 -10.65 27.89 -12.78
CA TRP A 209 -10.21 27.00 -13.84
C TRP A 209 -11.39 26.22 -14.42
N TRP A 210 -11.47 26.21 -15.74
CA TRP A 210 -12.47 25.45 -16.44
C TRP A 210 -11.72 24.56 -17.41
N PHE A 211 -12.40 23.53 -17.88
CA PHE A 211 -11.75 22.66 -18.82
C PHE A 211 -12.40 22.63 -20.22
N ARG A 212 -11.68 23.13 -21.25
CA ARG A 212 -12.19 23.06 -22.62
C ARG A 212 -11.89 21.68 -23.18
N ARG A 213 -12.91 20.83 -23.37
CA ARG A 213 -12.65 19.51 -23.89
C ARG A 213 -12.18 19.67 -25.34
N ASN A 214 -11.75 18.57 -25.95
CA ASN A 214 -11.35 18.66 -27.33
C ASN A 214 -12.44 19.23 -28.21
N ASN A 215 -13.69 18.91 -27.91
CA ASN A 215 -14.81 19.21 -28.81
C ASN A 215 -15.36 20.65 -28.55
N GLY A 216 -14.69 21.38 -27.67
CA GLY A 216 -15.04 22.78 -27.43
C GLY A 216 -15.98 23.01 -26.27
N SER A 217 -16.67 21.96 -25.84
CA SER A 217 -17.55 22.05 -24.67
C SER A 217 -16.68 21.95 -23.40
N PHE A 218 -17.32 21.96 -22.21
CA PHE A 218 -16.62 21.98 -20.91
C PHE A 218 -17.52 21.33 -19.86
N PRO A 219 -16.95 20.61 -18.89
CA PRO A 219 -17.77 19.97 -17.85
C PRO A 219 -18.34 20.98 -16.85
N TYR A 220 -19.61 20.78 -16.44
CA TYR A 220 -20.28 21.59 -15.44
C TYR A 220 -21.34 20.73 -14.70
N ASN A 221 -21.49 20.99 -13.41
CA ASN A 221 -22.39 20.22 -12.52
C ASN A 221 -22.11 18.72 -12.54
N LYS A 222 -20.83 18.34 -12.53
CA LYS A 222 -20.46 16.93 -12.60
C LYS A 222 -19.03 16.69 -12.19
N TRP A 223 -18.74 15.42 -11.88
CA TRP A 223 -17.40 14.85 -11.74
C TRP A 223 -16.87 14.55 -13.14
N GLU A 224 -15.58 14.78 -13.33
CA GLU A 224 -14.93 14.39 -14.58
C GLU A 224 -13.46 14.11 -14.32
N LYS A 225 -12.99 13.00 -14.90
CA LYS A 225 -11.62 12.54 -14.76
C LYS A 225 -10.81 13.06 -15.94
N ILE A 226 -9.70 13.71 -15.62
CA ILE A 226 -8.90 14.42 -16.59
C ILE A 226 -7.43 14.19 -16.23
N GLY A 227 -6.69 13.57 -17.16
CA GLY A 227 -5.31 13.28 -16.87
C GLY A 227 -5.17 12.30 -15.71
N GLY A 228 -6.18 11.43 -15.54
CA GLY A 228 -6.17 10.38 -14.53
C GLY A 228 -6.72 10.79 -13.16
N VAL A 229 -6.97 12.11 -13.00
CA VAL A 229 -7.40 12.73 -11.74
C VAL A 229 -8.84 13.20 -11.80
N TRP A 230 -9.59 12.98 -10.72
CA TRP A 230 -10.97 13.39 -10.65
C TRP A 230 -11.06 14.87 -10.20
N TYR A 231 -11.99 15.61 -10.84
CA TYR A 231 -12.33 16.98 -10.45
C TYR A 231 -13.82 17.08 -10.40
N TYR A 232 -14.31 18.07 -9.64
CA TYR A 232 -15.72 18.37 -9.71
C TYR A 232 -15.94 19.80 -10.20
N PHE A 233 -16.87 19.95 -11.15
CA PHE A 233 -17.08 21.27 -11.77
C PHE A 233 -18.44 21.78 -11.36
N ASP A 234 -18.53 23.03 -10.89
CA ASP A 234 -19.80 23.58 -10.47
C ASP A 234 -20.69 23.94 -11.66
N SER A 235 -21.87 24.49 -11.39
CA SER A 235 -22.84 24.81 -12.44
C SER A 235 -22.34 25.75 -13.54
N LYS A 236 -21.28 26.48 -13.24
CA LYS A 236 -20.76 27.47 -14.14
C LYS A 236 -19.51 26.95 -14.84
N GLY A 237 -19.12 25.70 -14.59
CA GLY A 237 -17.99 25.11 -15.28
C GLY A 237 -16.63 25.32 -14.63
N TYR A 238 -16.59 25.80 -13.37
CA TYR A 238 -15.32 25.98 -12.65
C TYR A 238 -15.08 24.84 -11.71
N CYS A 239 -13.85 24.35 -11.67
CA CYS A 239 -13.60 23.21 -10.84
C CYS A 239 -13.49 23.72 -9.36
N LEU A 240 -14.01 22.94 -8.41
CA LEU A 240 -13.98 23.36 -7.00
C LEU A 240 -12.58 23.25 -6.46
N THR A 241 -12.16 24.19 -5.60
CA THR A 241 -10.85 24.11 -4.98
C THR A 241 -11.00 24.29 -3.47
N SER A 242 -10.27 23.50 -2.66
CA SER A 242 -10.27 23.63 -1.22
C SER A 242 -11.69 23.69 -0.69
N GLU A 243 -12.51 22.72 -1.08
CA GLU A 243 -13.92 22.72 -0.71
C GLU A 243 -14.45 21.31 -0.48
N TRP A 244 -15.36 21.19 0.52
CA TRP A 244 -16.14 19.98 0.79
C TRP A 244 -17.27 19.86 -0.23
N LEU A 245 -17.61 18.63 -0.58
CA LEU A 245 -18.74 18.39 -1.46
C LEU A 245 -19.42 17.10 -1.08
N LYS A 246 -20.72 17.16 -0.85
CA LYS A 246 -21.41 15.93 -0.61
C LYS A 246 -22.15 15.44 -1.86
N ASP A 247 -21.89 14.20 -2.21
CA ASP A 247 -22.35 13.66 -3.47
C ASP A 247 -22.87 12.29 -3.16
N ASN A 248 -24.17 12.10 -3.41
CA ASN A 248 -24.78 10.81 -3.19
C ASN A 248 -24.53 10.34 -1.74
N GLU A 249 -24.90 11.16 -0.77
CA GLU A 249 -24.81 10.76 0.64
C GLU A 249 -23.39 10.77 1.26
N LYS A 250 -22.35 10.85 0.43
CA LYS A 250 -20.97 10.78 0.87
C LYS A 250 -20.31 12.17 0.82
N TRP A 251 -19.14 12.30 1.42
CA TRP A 251 -18.43 13.57 1.50
C TRP A 251 -17.06 13.50 0.82
N TYR A 252 -16.82 14.48 -0.04
CA TYR A 252 -15.59 14.53 -0.82
C TYR A 252 -14.93 15.85 -0.52
N TYR A 253 -13.61 15.88 -0.66
CA TYR A 253 -12.85 17.09 -0.46
C TYR A 253 -11.97 17.38 -1.69
N LEU A 254 -12.20 18.52 -2.34
CA LEU A 254 -11.40 18.89 -3.51
C LEU A 254 -10.27 19.74 -3.03
N LYS A 255 -9.03 19.32 -3.28
CA LYS A 255 -7.83 20.02 -2.82
C LYS A 255 -7.60 21.36 -3.49
N ASP A 256 -6.60 22.10 -3.00
CA ASP A 256 -6.32 23.43 -3.55
C ASP A 256 -5.98 23.40 -5.02
N ASN A 257 -5.61 22.25 -5.56
CA ASN A 257 -5.40 22.17 -7.01
C ASN A 257 -6.64 21.59 -7.71
N GLY A 258 -7.73 21.40 -6.97
CA GLY A 258 -8.97 20.85 -7.53
C GLY A 258 -9.12 19.33 -7.55
N ALA A 259 -8.05 18.59 -7.27
CA ALA A 259 -8.07 17.14 -7.30
C ALA A 259 -8.77 16.57 -6.08
N MET A 260 -9.60 15.57 -6.30
CA MET A 260 -10.32 14.89 -5.26
C MET A 260 -9.31 14.25 -4.34
N ALA A 261 -9.43 14.54 -3.04
CA ALA A 261 -8.47 14.01 -2.08
C ALA A 261 -8.66 12.50 -1.91
N THR A 262 -7.54 11.85 -1.74
CA THR A 262 -7.52 10.42 -1.51
C THR A 262 -6.55 10.19 -0.36
N GLY A 263 -6.96 9.45 0.67
CA GLY A 263 -6.07 9.25 1.79
C GLY A 263 -6.21 10.39 2.77
N TRP A 264 -5.21 10.55 3.64
CA TRP A 264 -5.12 11.69 4.54
C TRP A 264 -4.96 13.01 3.76
N VAL A 265 -5.71 14.00 4.16
CA VAL A 265 -5.69 15.31 3.50
C VAL A 265 -5.86 16.31 4.63
N LEU A 266 -4.98 17.32 4.62
CA LEU A 266 -4.98 18.41 5.58
C LEU A 266 -5.99 19.50 5.16
N VAL A 267 -7.01 19.73 5.95
CA VAL A 267 -8.04 20.71 5.61
C VAL A 267 -7.90 21.82 6.61
N GLY A 268 -7.20 22.90 6.21
CA GLY A 268 -6.89 24.00 7.10
C GLY A 268 -5.78 23.50 8.00
N SER A 269 -6.10 23.28 9.29
CA SER A 269 -5.16 22.68 10.23
C SER A 269 -5.58 21.26 10.78
N GLU A 270 -6.59 20.65 10.18
CA GLU A 270 -7.19 19.42 10.67
C GLU A 270 -7.01 18.30 9.66
N TRP A 271 -6.91 17.07 10.16
CA TRP A 271 -6.69 15.93 9.27
C TRP A 271 -7.97 15.16 9.06
N TYR A 272 -8.22 14.81 7.80
CA TYR A 272 -9.35 13.97 7.38
C TYR A 272 -8.86 12.84 6.49
N TYR A 273 -9.56 11.69 6.52
CA TYR A 273 -9.15 10.55 5.76
C TYR A 273 -10.28 10.16 4.85
N MET A 274 -9.96 10.11 3.56
CA MET A 274 -10.88 9.74 2.48
C MET A 274 -10.42 8.37 1.99
N ASP A 275 -11.34 7.50 1.61
CA ASP A 275 -10.92 6.17 1.12
C ASP A 275 -10.41 6.28 -0.34
N ASP A 276 -10.12 5.15 -0.98
CA ASP A 276 -9.55 5.11 -2.33
C ASP A 276 -10.46 5.77 -3.30
N SER A 277 -11.75 5.77 -2.97
CA SER A 277 -12.76 6.37 -3.82
C SER A 277 -12.95 7.89 -3.59
N GLY A 278 -12.28 8.49 -2.62
CA GLY A 278 -12.48 9.92 -2.33
C GLY A 278 -13.50 10.17 -1.20
N ALA A 279 -14.21 9.11 -0.76
CA ALA A 279 -15.26 9.23 0.25
C ALA A 279 -14.65 9.27 1.64
N MET A 280 -15.03 10.30 2.39
CA MET A 280 -14.55 10.48 3.75
C MET A 280 -14.89 9.25 4.61
N VAL A 281 -13.92 8.81 5.42
CA VAL A 281 -14.12 7.73 6.36
C VAL A 281 -14.43 8.35 7.72
N THR A 282 -15.51 7.92 8.38
CA THR A 282 -15.81 8.38 9.74
C THR A 282 -15.41 7.39 10.81
N GLY A 283 -15.38 7.86 12.05
CA GLY A 283 -15.00 7.04 13.20
C GLY A 283 -13.51 7.13 13.54
N TRP A 284 -12.99 6.07 14.16
CA TRP A 284 -11.62 6.05 14.58
C TRP A 284 -10.72 5.63 13.42
N VAL A 285 -9.72 6.46 13.10
CA VAL A 285 -8.76 6.07 12.13
C VAL A 285 -7.41 6.45 12.72
N LYS A 286 -6.47 5.51 12.72
CA LYS A 286 -5.14 5.78 13.21
C LYS A 286 -4.24 6.18 12.07
N TYR A 287 -3.41 7.18 12.32
CA TYR A 287 -2.51 7.66 11.34
C TYR A 287 -1.18 7.47 11.95
N LYS A 288 -0.52 6.37 11.55
CA LYS A 288 0.75 5.92 12.14
C LYS A 288 0.64 5.79 13.67
N ASN A 289 1.14 6.76 14.45
CA ASN A 289 1.03 6.65 15.92
C ASN A 289 -0.19 7.35 16.57
N ASN A 290 -0.79 8.34 15.87
CA ASN A 290 -1.86 9.18 16.41
C ASN A 290 -3.24 8.71 16.00
N TRP A 291 -4.21 8.87 16.91
CA TRP A 291 -5.58 8.47 16.65
C TRP A 291 -6.52 9.68 16.37
N TYR A 292 -7.39 9.52 15.36
CA TYR A 292 -8.38 10.56 15.00
C TYR A 292 -9.78 9.99 15.01
N TYR A 293 -10.72 10.68 15.65
CA TYR A 293 -12.11 10.27 15.63
C TYR A 293 -12.81 11.33 14.84
N MET A 294 -13.31 10.96 13.67
CA MET A 294 -13.78 11.97 12.72
C MET A 294 -15.26 11.78 12.40
N THR A 295 -16.02 12.88 12.38
CA THR A 295 -17.47 12.83 12.11
C THR A 295 -17.89 13.90 11.12
N ASN A 296 -19.08 13.73 10.53
CA ASN A 296 -19.58 14.71 9.56
C ASN A 296 -21.08 14.80 9.60
N GLU A 297 -21.64 14.45 10.75
CA GLU A 297 -23.08 14.55 11.02
C GLU A 297 -23.60 15.95 10.60
N ARG A 298 -24.62 15.98 9.74
CA ARG A 298 -25.25 17.24 9.31
C ARG A 298 -24.25 18.19 8.60
N GLY A 299 -23.26 17.63 7.93
CA GLY A 299 -22.23 18.46 7.33
C GLY A 299 -21.32 19.21 8.31
N ASN A 300 -21.37 18.87 9.60
CA ASN A 300 -20.42 19.42 10.58
C ASN A 300 -19.16 18.57 10.69
N MET A 301 -18.08 19.05 10.06
CA MET A 301 -16.90 18.27 9.86
C MET A 301 -16.05 18.42 11.11
N VAL A 302 -15.78 17.30 11.78
CA VAL A 302 -15.02 17.32 13.04
C VAL A 302 -13.92 16.33 12.97
N SER A 303 -12.76 16.71 13.51
CA SER A 303 -11.62 15.82 13.53
C SER A 303 -11.05 15.87 14.90
N ASN A 304 -11.40 14.91 15.73
CA ASN A 304 -10.88 14.83 17.08
C ASN A 304 -9.54 14.11 17.08
N GLU A 305 -8.48 14.84 17.37
CA GLU A 305 -7.12 14.33 17.37
C GLU A 305 -6.57 14.00 18.75
N PHE A 306 -5.97 12.81 18.85
CA PHE A 306 -5.40 12.36 20.10
C PHE A 306 -3.94 12.01 19.82
N ILE A 307 -3.03 12.80 20.36
CA ILE A 307 -1.58 12.65 20.14
C ILE A 307 -0.94 11.66 21.08
N LYS A 308 -0.17 10.72 20.52
CA LYS A 308 0.52 9.72 21.34
C LYS A 308 1.67 10.31 22.16
N SER A 309 1.84 9.83 23.39
CA SER A 309 3.00 10.14 24.24
C SER A 309 3.20 9.07 25.31
N GLY A 310 4.24 8.26 25.14
CA GLY A 310 4.43 7.09 26.00
C GLY A 310 3.35 6.05 25.75
N LYS A 311 2.71 5.57 26.82
CA LYS A 311 1.69 4.51 26.69
C LYS A 311 0.29 5.13 26.64
N GLY A 312 0.24 6.45 26.44
CA GLY A 312 -1.02 7.16 26.44
C GLY A 312 -1.26 7.98 25.20
N TRP A 313 -2.53 8.31 24.96
CA TRP A 313 -2.89 9.23 23.88
C TRP A 313 -3.63 10.43 24.46
N TYR A 314 -3.32 11.62 23.96
CA TYR A 314 -3.81 12.86 24.60
C TYR A 314 -4.62 13.67 23.64
N PHE A 315 -5.81 14.04 24.06
CA PHE A 315 -6.68 14.90 23.25
C PHE A 315 -6.06 16.27 23.04
N MET A 316 -6.14 16.75 21.80
CA MET A 316 -5.70 18.10 21.50
C MET A 316 -6.88 19.04 21.29
N ASN A 317 -6.98 20.03 22.19
CA ASN A 317 -8.02 21.08 22.19
C ASN A 317 -8.00 22.00 20.97
N THR A 318 -8.86 23.01 21.01
CA THR A 318 -8.97 23.90 19.85
C THR A 318 -7.70 24.75 19.74
N ASN A 319 -7.24 25.20 20.90
CA ASN A 319 -6.01 25.99 21.01
C ASN A 319 -4.75 25.17 20.85
N GLY A 320 -4.82 24.01 20.21
CA GLY A 320 -3.65 23.15 20.09
C GLY A 320 -3.05 22.81 21.44
N GLU A 321 -3.91 22.73 22.46
CA GLU A 321 -3.47 22.43 23.80
C GLU A 321 -3.76 21.00 24.23
N LEU A 322 -2.75 20.37 24.81
CA LEU A 322 -2.89 19.01 25.33
C LEU A 322 -3.28 18.97 26.81
N ALA A 323 -4.03 17.93 27.16
CA ALA A 323 -4.38 17.69 28.55
C ALA A 323 -3.16 17.19 29.29
N ASP A 324 -3.13 17.42 30.61
CA ASP A 324 -2.02 16.93 31.42
C ASP A 324 -1.99 15.42 31.48
N ASN A 325 -3.17 14.78 31.42
CA ASN A 325 -3.28 13.32 31.53
C ASN A 325 -3.84 12.68 30.27
N PRO A 326 -3.43 11.46 29.98
CA PRO A 326 -3.88 10.78 28.76
C PRO A 326 -5.40 10.60 28.77
N SER A 327 -6.01 10.68 27.60
CA SER A 327 -7.46 10.51 27.53
C SER A 327 -7.75 9.05 27.50
N PHE A 328 -6.83 8.28 26.93
CA PHE A 328 -6.93 6.82 26.92
C PHE A 328 -5.56 6.10 26.84
N THR A 329 -5.47 4.86 27.32
CA THR A 329 -4.23 4.04 27.18
C THR A 329 -4.56 2.76 26.42
N LYS A 330 -5.85 2.43 26.34
CA LYS A 330 -6.28 1.30 25.53
C LYS A 330 -6.84 1.77 24.17
N GLU A 331 -6.15 1.38 23.10
CA GLU A 331 -6.48 1.86 21.76
C GLU A 331 -7.83 1.38 21.35
N PRO A 332 -8.59 2.24 20.67
CA PRO A 332 -9.88 1.83 20.07
C PRO A 332 -9.63 0.88 18.89
N ASP A 333 -10.63 0.06 18.54
CA ASP A 333 -10.49 -0.91 17.48
C ASP A 333 -10.82 -0.28 16.11
N GLY A 334 -9.97 0.61 15.62
CA GLY A 334 -10.34 1.35 14.43
C GLY A 334 -9.51 1.01 13.24
N LEU A 335 -9.59 1.84 12.21
CA LEU A 335 -8.88 1.58 10.98
C LEU A 335 -7.46 2.09 11.14
N ILE A 336 -6.51 1.20 10.90
CA ILE A 336 -5.08 1.48 11.00
C ILE A 336 -4.55 1.87 9.62
N THR A 337 -3.89 3.03 9.52
CA THR A 337 -3.26 3.46 8.29
C THR A 337 -1.83 3.70 8.66
N VAL A 338 -0.96 3.67 7.66
CA VAL A 338 0.44 3.84 7.92
C VAL A 338 1.00 4.81 6.91
N ALA A 339 0.11 5.44 6.15
CA ALA A 339 0.56 6.38 5.22
C ALA A 339 -0.65 7.06 4.63
C1 MUB B . 14.59 -12.17 14.38
C2 MUB B . 13.63 -11.38 13.47
C3 MUB B . 12.40 -12.26 13.16
C4 MUB B . 12.85 -13.56 12.51
C5 MUB B . 13.81 -14.29 13.46
C6 MUB B . 14.33 -15.58 12.83
C7 MUB B . 13.17 -8.96 13.46
C8 MUB B . 12.76 -7.73 14.27
C9 MUB B . 10.06 -11.43 12.36
C10 MUB B . 9.68 -10.54 13.49
C11 MUB B . 9.44 -11.09 11.01
O1 MUB B . 13.96 -12.45 15.63
O3 MUB B . 11.50 -11.55 12.29
O4 MUB B . 11.71 -14.39 12.24
O5 MUB B . 14.96 -13.42 13.76
O6 MUB B . 15.44 -16.12 13.57
O7 MUB B . 13.38 -8.85 12.25
O10 MUB B . 9.73 -9.31 13.39
N2 MUB B . 13.25 -10.12 14.12
C1 NAG B . 11.54 -14.90 10.96
C2 NAG B . 10.53 -16.06 11.03
C3 NAG B . 10.24 -16.52 9.60
C4 NAG B . 9.69 -15.37 8.79
C5 NAG B . 10.73 -14.25 8.76
C6 NAG B . 10.29 -13.02 8.01
C7 NAG B . 11.05 -17.25 13.08
C8 NAG B . 11.77 -18.42 13.73
N2 NAG B . 11.11 -17.17 11.75
O3 NAG B . 9.28 -17.57 9.64
O4 NAG B . 9.42 -15.81 7.47
O5 NAG B . 11.02 -13.83 10.15
O6 NAG B . 11.05 -12.85 6.82
O7 NAG B . 10.46 -16.42 13.77
C FMT C . 5.18 -24.38 1.05
O1 FMT C . 4.44 -24.60 -0.01
O2 FMT C . 6.46 -24.27 1.11
N ALA D . 9.32 -11.23 14.59
CA ALA D . 8.89 -10.62 15.85
C ALA D . 10.05 -9.97 16.62
O ALA D . 11.22 -10.32 16.41
CB ALA D . 8.23 -11.67 16.74
CD ZGL E . 11.24 -7.18 17.93
N ZGL E . 9.67 -9.09 17.57
O2 ZGL E . 10.66 -6.58 17.01
N1 ZGL E . 12.31 -6.82 18.45
CA ZGL E . 10.64 -8.49 18.47
CB ZGL E . 10.07 -8.26 19.86
C ZGL E . 9.15 -9.48 21.89
CG ZGL E . 9.74 -9.59 20.51
OXT ZGL E . 9.75 -8.80 22.76
O ZGL E . 8.10 -10.11 22.09
#